data_2HYR
#
_entry.id   2HYR
#
_cell.length_a   34.820
_cell.length_b   53.260
_cell.length_c   118.470
_cell.angle_alpha   90.00
_cell.angle_beta   90.00
_cell.angle_gamma   90.00
#
_symmetry.space_group_name_H-M   'P 21 21 21'
#
loop_
_entity.id
_entity.type
_entity.pdbx_description
1 polymer Griffithsin
2 branched alpha-D-glucopyranose-(1-4)-beta-D-glucopyranose
3 non-polymer 'SULFATE ION'
4 non-polymer 'MAGNESIUM ION'
5 non-polymer 1,2-ETHANEDIOL
6 water water
#
_entity_poly.entity_id   1
_entity_poly.type   'polypeptide(L)'
_entity_poly.pdbx_seq_one_letter_code
;(ACE)SLTHRKFGGSGGSPFSGLSSIAVRSGSYLDAIIIDGVHHGGSGGNLSPTFTFGSGEYISNMTIRSGDYIDNISFE
TNMGRRFGPYGGSGGSANTLSNVKVIQINGSAGDYLDSLDIYYEQY
;
_entity_poly.pdbx_strand_id   A,B
#
# COMPACT_ATOMS: atom_id res chain seq x y z
N SER A 2 2.94 -0.41 -16.83
CA SER A 2 4.17 -0.95 -16.26
C SER A 2 3.94 -1.86 -15.09
N LEU A 3 2.68 -1.96 -14.68
CA LEU A 3 2.28 -3.00 -13.79
C LEU A 3 0.80 -3.31 -14.14
N THR A 4 0.27 -4.31 -13.45
CA THR A 4 -1.06 -4.82 -13.75
C THR A 4 -1.86 -5.08 -12.45
N HIS A 5 -3.10 -5.47 -12.65
CA HIS A 5 -3.90 -5.88 -11.53
C HIS A 5 -4.84 -7.02 -11.91
N ARG A 6 -5.27 -7.77 -10.92
CA ARG A 6 -6.23 -8.82 -11.13
C ARG A 6 -7.20 -8.86 -9.97
N LYS A 7 -8.45 -9.11 -10.30
CA LYS A 7 -9.54 -9.18 -9.30
C LYS A 7 -9.92 -10.62 -9.04
N PHE A 8 -10.23 -10.87 -7.76
CA PHE A 8 -10.67 -12.18 -7.31
C PHE A 8 -11.95 -12.01 -6.44
N GLY A 9 -12.88 -12.94 -6.48
CA GLY A 9 -14.05 -12.87 -5.61
C GLY A 9 -15.31 -12.36 -6.27
N GLY A 10 -16.29 -12.01 -5.45
CA GLY A 10 -17.63 -11.63 -5.89
C GLY A 10 -17.89 -10.15 -5.91
N SER A 11 -19.15 -9.81 -6.05
CA SER A 11 -19.50 -8.41 -6.32
C SER A 11 -20.04 -7.67 -5.10
N GLY A 12 -20.11 -8.31 -3.92
CA GLY A 12 -20.62 -7.73 -2.76
C GLY A 12 -19.64 -6.83 -2.03
N GLY A 13 -20.16 -6.23 -0.96
CA GLY A 13 -19.36 -5.52 0.02
C GLY A 13 -19.13 -4.10 -0.43
N SER A 14 -18.30 -3.42 0.34
CA SER A 14 -17.93 -2.03 0.12
C SER A 14 -16.45 -1.91 -0.28
N PRO A 15 -16.11 -1.10 -1.29
CA PRO A 15 -14.71 -1.02 -1.73
C PRO A 15 -13.82 -0.39 -0.69
N PHE A 16 -12.58 -0.86 -0.65
CA PHE A 16 -11.55 -0.28 0.14
C PHE A 16 -10.29 -0.16 -0.64
N SER A 17 -9.47 0.78 -0.22
CA SER A 17 -8.11 0.97 -0.73
C SER A 17 -7.13 0.69 0.38
N GLY A 18 -6.03 0.02 0.05
CA GLY A 18 -4.95 -0.18 1.02
C GLY A 18 -4.39 1.11 1.53
N LEU A 19 -4.34 2.15 0.70
CA LEU A 19 -3.65 3.40 1.06
C LEU A 19 -4.71 4.28 1.75
N SER A 20 -4.69 4.33 3.09
CA SER A 20 -5.73 5.02 3.83
C SER A 20 -5.31 6.12 4.79
N SER A 21 -4.04 6.25 5.14
CA SER A 21 -3.60 7.42 5.89
C SER A 21 -2.14 7.68 5.68
N ILE A 22 -1.81 8.96 5.67
CA ILE A 22 -0.46 9.43 5.49
C ILE A 22 -0.15 10.57 6.49
N ALA A 23 1.03 10.51 7.11
CA ALA A 23 1.60 11.65 7.82
C ALA A 23 3.08 11.68 7.49
N VAL A 24 3.77 12.78 7.83
CA VAL A 24 5.21 12.87 7.59
C VAL A 24 5.88 13.48 8.76
N ARG A 25 7.19 13.27 8.89
CA ARG A 25 8.02 14.15 9.72
C ARG A 25 8.82 14.98 8.79
N SER A 26 8.97 16.25 9.06
CA SER A 26 9.70 17.12 8.16
C SER A 26 10.47 18.24 8.83
N GLY A 27 11.56 18.63 8.18
CA GLY A 27 12.36 19.79 8.54
C GLY A 27 12.72 20.50 7.26
N SER A 28 14.00 20.48 6.99
CA SER A 28 14.53 20.88 5.69
C SER A 28 14.12 19.85 4.62
N TYR A 29 13.99 18.59 5.02
CA TYR A 29 13.63 17.49 4.15
C TYR A 29 12.43 16.78 4.75
N LEU A 30 11.99 15.72 4.10
CA LEU A 30 11.17 14.72 4.73
C LEU A 30 12.04 13.73 5.47
N ASP A 31 11.91 13.76 6.79
CA ASP A 31 12.57 12.78 7.65
C ASP A 31 11.94 11.42 7.59
N ALA A 32 10.63 11.38 7.41
CA ALA A 32 9.90 10.09 7.42
C ALA A 32 8.56 10.28 6.78
N ILE A 33 8.02 9.16 6.32
CA ILE A 33 6.62 9.07 5.88
C ILE A 33 5.98 7.93 6.63
N ILE A 34 4.78 8.19 7.09
CA ILE A 34 4.05 7.25 7.93
C ILE A 34 2.81 6.83 7.11
N ILE A 35 2.78 5.58 6.74
CA ILE A 35 1.72 5.06 5.86
C ILE A 35 0.86 4.06 6.60
N ASP A 36 -0.43 4.38 6.77
CA ASP A 36 -1.36 3.53 7.52
C ASP A 36 -0.81 3.30 8.90
N GLY A 37 -0.16 4.29 9.46
CA GLY A 37 0.34 4.17 10.81
C GLY A 37 1.74 3.63 11.00
N VAL A 38 2.35 3.16 9.92
CA VAL A 38 3.66 2.45 9.94
C VAL A 38 4.72 3.49 9.55
N HIS A 39 5.77 3.63 10.36
CA HIS A 39 6.76 4.68 10.24
C HIS A 39 7.87 4.20 9.35
N HIS A 40 8.22 5.04 8.40
CA HIS A 40 9.32 4.77 7.49
C HIS A 40 10.24 5.97 7.49
N GLY A 41 11.43 5.84 8.08
CA GLY A 41 12.40 6.90 8.13
C GLY A 41 12.79 7.23 9.53
N GLY A 42 13.35 8.41 9.70
CA GLY A 42 13.97 8.81 10.93
C GLY A 42 13.10 9.51 11.96
N SER A 43 13.75 10.02 13.00
CA SER A 43 13.03 10.62 14.10
C SER A 43 13.22 12.14 14.16
N GLY A 44 13.95 12.71 13.22
CA GLY A 44 14.12 14.14 13.12
C GLY A 44 12.91 14.87 12.57
N GLY A 45 12.98 16.18 12.46
CA GLY A 45 11.88 16.97 12.03
C GLY A 45 10.75 16.99 12.98
N ASN A 46 9.63 17.47 12.47
CA ASN A 46 8.41 17.64 13.22
C ASN A 46 7.29 16.85 12.57
N LEU A 47 6.45 16.22 13.39
CA LEU A 47 5.36 15.39 12.92
C LEU A 47 4.22 16.22 12.41
N SER A 48 3.81 15.98 11.17
CA SER A 48 2.62 16.61 10.57
C SER A 48 1.32 16.03 11.12
N PRO A 49 0.17 16.70 10.92
CA PRO A 49 -1.08 15.99 11.14
C PRO A 49 -1.21 14.79 10.22
N THR A 50 -2.06 13.83 10.60
CA THR A 50 -2.33 12.70 9.77
C THR A 50 -3.50 12.95 8.88
N PHE A 51 -3.30 12.66 7.60
CA PHE A 51 -4.33 12.76 6.64
C PHE A 51 -4.97 11.40 6.50
N THR A 52 -6.26 11.31 6.82
CA THR A 52 -6.95 10.06 6.76
C THR A 52 -7.89 10.16 5.58
N PHE A 53 -7.76 9.22 4.65
CA PHE A 53 -8.58 9.26 3.43
C PHE A 53 -10.04 8.93 3.74
N GLY A 54 -10.97 9.64 3.14
CA GLY A 54 -12.39 9.33 3.24
C GLY A 54 -12.83 8.32 2.24
N SER A 55 -14.09 7.97 2.32
CA SER A 55 -14.73 7.06 1.36
C SER A 55 -14.62 7.65 -0.03
N GLY A 56 -14.06 6.86 -0.94
CA GLY A 56 -14.02 7.26 -2.35
C GLY A 56 -12.95 8.29 -2.65
N GLU A 57 -12.01 8.47 -1.74
CA GLU A 57 -10.99 9.52 -1.88
C GLU A 57 -9.62 8.95 -2.24
N TYR A 58 -8.93 9.66 -3.15
CA TYR A 58 -7.63 9.24 -3.63
C TYR A 58 -6.84 10.51 -4.02
N ILE A 59 -5.53 10.40 -3.97
CA ILE A 59 -4.64 11.43 -4.42
C ILE A 59 -4.73 11.55 -5.93
N SER A 60 -5.06 12.78 -6.37
CA SER A 60 -5.16 13.07 -7.82
C SER A 60 -4.11 14.03 -8.39
N ASN A 61 -3.39 14.75 -7.50
CA ASN A 61 -2.38 15.69 -7.82
C ASN A 61 -1.32 15.65 -6.73
N MET A 62 -0.06 15.63 -7.10
CA MET A 62 1.03 15.56 -6.13
C MET A 62 2.22 16.30 -6.64
N THR A 63 2.89 17.05 -5.77
CA THR A 63 4.11 17.73 -6.13
C THR A 63 5.18 17.27 -5.14
N ILE A 64 6.30 16.79 -5.66
CA ILE A 64 7.41 16.32 -4.85
C ILE A 64 8.60 17.15 -5.27
N ARG A 65 9.30 17.72 -4.29
CA ARG A 65 10.60 18.27 -4.52
C ARG A 65 11.63 17.22 -4.04
N SER A 66 12.65 17.00 -4.84
CA SER A 66 13.69 16.01 -4.48
C SER A 66 15.03 16.29 -5.12
N GLY A 67 16.04 15.75 -4.49
CA GLY A 67 17.41 15.75 -4.95
C GLY A 67 17.99 14.41 -4.52
N ASP A 68 18.97 14.39 -3.62
CA ASP A 68 19.39 13.13 -3.02
C ASP A 68 18.32 12.49 -2.08
N TYR A 69 17.47 13.33 -1.51
CA TYR A 69 16.39 12.91 -0.64
C TYR A 69 15.09 13.49 -1.15
N ILE A 70 13.99 13.26 -0.44
CA ILE A 70 12.77 13.95 -0.67
C ILE A 70 12.77 15.20 0.15
N ASP A 71 12.75 16.34 -0.56
CA ASP A 71 12.78 17.65 0.07
C ASP A 71 11.41 18.08 0.54
N ASN A 72 10.36 17.74 -0.18
CA ASN A 72 9.04 18.34 0.14
C ASN A 72 7.99 17.47 -0.51
N ILE A 73 6.82 17.41 0.08
CA ILE A 73 5.66 16.78 -0.55
C ILE A 73 4.43 17.61 -0.32
N SER A 74 3.58 17.68 -1.34
CA SER A 74 2.22 18.20 -1.16
C SER A 74 1.31 17.40 -2.07
N PHE A 75 0.07 17.22 -1.69
CA PHE A 75 -0.88 16.56 -2.60
C PHE A 75 -2.28 17.09 -2.39
N GLU A 76 -3.11 16.82 -3.38
CA GLU A 76 -4.56 17.11 -3.35
C GLU A 76 -5.31 15.89 -3.77
N THR A 77 -6.46 15.65 -3.17
CA THR A 77 -7.27 14.53 -3.52
C THR A 77 -8.42 14.91 -4.49
N ASN A 78 -9.08 13.86 -5.04
CA ASN A 78 -10.24 14.08 -5.89
C ASN A 78 -11.34 14.91 -5.18
N MET A 79 -11.37 14.92 -3.86
CA MET A 79 -12.37 15.63 -3.08
C MET A 79 -11.89 17.01 -2.64
N GLY A 80 -10.73 17.43 -3.16
CA GLY A 80 -10.23 18.76 -2.94
C GLY A 80 -9.50 18.98 -1.61
N ARG A 81 -9.15 17.86 -0.99
CA ARG A 81 -8.55 17.92 0.32
C ARG A 81 -7.06 17.81 0.15
N ARG A 82 -6.32 18.68 0.82
CA ARG A 82 -4.89 18.78 0.58
C ARG A 82 -4.09 18.39 1.79
N PHE A 83 -2.85 18.04 1.50
CA PHE A 83 -1.83 17.75 2.51
C PHE A 83 -0.60 18.54 2.16
N GLY A 84 -0.05 19.26 3.09
CA GLY A 84 1.18 19.99 2.84
C GLY A 84 0.95 21.32 2.20
N PRO A 85 2.03 21.93 1.69
CA PRO A 85 3.41 21.40 1.58
C PRO A 85 4.09 21.18 2.87
N TYR A 86 4.89 20.10 2.92
CA TYR A 86 5.74 19.82 4.06
C TYR A 86 7.13 19.61 3.56
N GLY A 87 8.12 20.14 4.30
CA GLY A 87 9.50 20.04 3.95
C GLY A 87 10.10 21.40 3.62
N GLY A 88 11.20 21.34 2.89
CA GLY A 88 11.99 22.47 2.50
C GLY A 88 11.82 22.86 1.04
N SER A 89 12.66 23.79 0.64
CA SER A 89 12.60 24.30 -0.71
C SER A 89 13.78 23.87 -1.60
N GLY A 90 14.57 22.91 -1.12
CA GLY A 90 15.62 22.32 -1.87
C GLY A 90 15.16 21.38 -2.96
N GLY A 91 16.11 20.74 -3.60
CA GLY A 91 15.83 19.85 -4.71
C GLY A 91 15.19 20.57 -5.89
N SER A 92 14.53 19.77 -6.73
CA SER A 92 13.74 20.33 -7.82
CA SER A 92 13.81 20.21 -7.90
C SER A 92 12.38 19.65 -7.84
N ALA A 93 11.41 20.36 -8.41
CA ALA A 93 10.02 19.93 -8.33
C ALA A 93 9.57 19.13 -9.49
N ASN A 94 8.74 18.15 -9.22
CA ASN A 94 8.06 17.36 -10.23
C ASN A 94 6.61 17.23 -9.77
N THR A 95 5.66 17.32 -10.70
CA THR A 95 4.23 17.24 -10.40
C THR A 95 3.64 16.08 -11.19
N LEU A 96 2.77 15.33 -10.52
CA LEU A 96 1.84 14.36 -11.15
C LEU A 96 0.45 14.94 -11.11
N SER A 97 -0.27 14.86 -12.19
CA SER A 97 -1.59 15.44 -12.18
C SER A 97 -2.49 14.55 -12.99
N ASN A 98 -3.79 14.60 -12.68
CA ASN A 98 -4.82 13.79 -13.29
C ASN A 98 -4.47 12.29 -13.11
N VAL A 99 -4.09 11.94 -11.87
CA VAL A 99 -3.68 10.61 -11.50
C VAL A 99 -4.65 10.02 -10.46
N LYS A 100 -4.53 8.73 -10.19
CA LYS A 100 -5.13 8.08 -8.97
C LYS A 100 -3.99 7.30 -8.34
N VAL A 101 -3.47 7.76 -7.23
CA VAL A 101 -2.35 7.07 -6.58
C VAL A 101 -2.87 5.80 -5.91
N ILE A 102 -2.16 4.70 -6.18
CA ILE A 102 -2.53 3.37 -5.73
C ILE A 102 -1.65 2.94 -4.53
N GLN A 103 -0.37 3.29 -4.56
CA GLN A 103 0.57 2.84 -3.54
C GLN A 103 1.72 3.77 -3.48
N ILE A 104 2.35 3.85 -2.31
CA ILE A 104 3.59 4.52 -2.05
C ILE A 104 4.59 3.56 -1.46
N ASN A 105 5.67 3.29 -2.20
CA ASN A 105 6.84 2.59 -1.65
C ASN A 105 7.99 3.62 -1.60
N GLY A 106 9.18 3.20 -1.16
CA GLY A 106 10.27 4.14 -1.15
C GLY A 106 11.49 3.53 -0.51
N SER A 107 12.42 4.37 -0.12
CA SER A 107 13.58 3.96 0.62
C SER A 107 13.86 5.03 1.67
N ALA A 108 14.29 4.61 2.83
CA ALA A 108 14.48 5.55 3.92
C ALA A 108 15.56 5.10 4.82
N GLY A 109 16.30 6.07 5.34
CA GLY A 109 17.27 5.87 6.43
C GLY A 109 16.96 6.82 7.56
N ASP A 110 17.90 7.72 7.85
CA ASP A 110 17.61 8.84 8.76
C ASP A 110 16.64 9.84 8.17
N TYR A 111 16.63 9.92 6.86
CA TYR A 111 15.66 10.68 6.08
C TYR A 111 14.95 9.85 5.06
N LEU A 112 13.97 10.46 4.40
CA LEU A 112 13.30 9.78 3.30
C LEU A 112 14.09 9.98 2.07
N ASP A 113 14.85 8.98 1.65
CA ASP A 113 15.70 9.09 0.47
C ASP A 113 14.93 9.16 -0.85
N SER A 114 13.92 8.33 -0.95
CA SER A 114 13.15 8.21 -2.19
C SER A 114 11.77 7.75 -1.98
N LEU A 115 10.90 8.08 -2.95
CA LEU A 115 9.51 7.59 -3.01
C LEU A 115 9.23 7.02 -4.36
N ASP A 116 8.57 5.87 -4.37
CA ASP A 116 8.16 5.25 -5.63
C ASP A 116 6.67 5.24 -5.61
N ILE A 117 6.11 6.07 -6.44
CA ILE A 117 4.67 6.31 -6.48
C ILE A 117 4.08 5.46 -7.57
N TYR A 118 3.11 4.62 -7.22
CA TYR A 118 2.33 3.79 -8.13
C TYR A 118 0.97 4.37 -8.33
N TYR A 119 0.58 4.52 -9.59
CA TYR A 119 -0.57 5.34 -9.91
C TYR A 119 -1.16 4.96 -11.26
N GLU A 120 -2.43 5.29 -11.40
CA GLU A 120 -3.14 5.34 -12.71
C GLU A 120 -3.03 6.75 -13.23
N GLN A 121 -2.63 6.84 -14.50
CA GLN A 121 -2.46 8.11 -15.20
C GLN A 121 -3.63 8.32 -16.14
N TYR A 122 -4.37 9.39 -15.95
CA TYR A 122 -5.52 9.75 -16.83
C TYR A 122 -5.13 10.91 -17.70
N SER B 2 -3.89 4.35 -17.15
CA SER B 2 -2.73 3.51 -17.46
C SER B 2 -1.95 3.36 -16.17
N LEU B 3 -1.62 2.13 -15.79
CA LEU B 3 -0.95 1.87 -14.54
C LEU B 3 0.55 2.05 -14.71
N THR B 4 1.17 2.81 -13.85
CA THR B 4 2.57 3.02 -13.92
C THR B 4 3.14 3.37 -12.56
N HIS B 5 4.43 3.65 -12.52
CA HIS B 5 5.09 4.16 -11.31
C HIS B 5 6.26 5.02 -11.67
N ARG B 6 6.62 5.87 -10.76
CA ARG B 6 7.70 6.77 -10.90
C ARG B 6 8.40 6.95 -9.54
N LYS B 7 9.72 6.94 -9.61
CA LYS B 7 10.60 7.06 -8.47
C LYS B 7 11.22 8.43 -8.44
N PHE B 8 11.18 9.07 -7.28
CA PHE B 8 11.76 10.40 -7.02
C PHE B 8 12.75 10.24 -5.87
N GLY B 9 13.85 11.01 -5.91
CA GLY B 9 14.83 10.95 -4.85
C GLY B 9 16.08 10.23 -5.27
N GLY B 10 16.88 9.94 -4.27
CA GLY B 10 18.19 9.42 -4.46
C GLY B 10 18.27 7.96 -4.27
N SER B 11 19.52 7.45 -4.19
CA SER B 11 19.80 6.05 -4.14
C SER B 11 20.02 5.47 -2.72
N GLY B 12 20.03 6.31 -1.68
CA GLY B 12 20.25 5.86 -0.32
C GLY B 12 19.09 5.19 0.35
N GLY B 13 19.35 4.75 1.59
CA GLY B 13 18.31 4.23 2.42
C GLY B 13 18.00 2.79 2.23
N SER B 14 17.13 2.29 3.08
CA SER B 14 16.62 0.96 3.06
C SER B 14 15.25 0.91 2.43
N PRO B 15 15.00 -0.01 1.49
CA PRO B 15 13.73 -0.07 0.81
C PRO B 15 12.61 -0.39 1.77
N PHE B 16 11.45 0.22 1.47
CA PHE B 16 10.26 -0.13 2.20
C PHE B 16 9.08 -0.22 1.24
N SER B 17 8.00 -0.91 1.66
CA SER B 17 6.76 -0.92 0.94
C SER B 17 5.71 -0.32 1.83
N GLY B 18 4.76 0.32 1.19
CA GLY B 18 3.59 0.75 1.87
C GLY B 18 2.84 -0.42 2.43
N LEU B 19 2.87 -1.54 1.71
CA LEU B 19 2.29 -2.78 2.17
C LEU B 19 3.34 -3.44 3.07
N SER B 20 3.23 -3.17 4.35
CA SER B 20 4.24 -3.49 5.35
C SER B 20 3.83 -4.71 6.24
N SER B 21 2.55 -5.01 6.35
CA SER B 21 2.11 -6.21 7.12
C SER B 21 0.76 -6.64 6.63
N ILE B 22 0.49 -7.92 6.83
CA ILE B 22 -0.74 -8.58 6.56
C ILE B 22 -1.11 -9.57 7.66
N ALA B 23 -2.40 -9.55 7.99
CA ALA B 23 -3.00 -10.63 8.77
C ALA B 23 -4.40 -10.87 8.22
N VAL B 24 -5.01 -11.95 8.64
CA VAL B 24 -6.36 -12.22 8.32
C VAL B 24 -7.21 -12.62 9.54
N ARG B 25 -8.52 -12.45 9.46
CA ARG B 25 -9.46 -13.22 10.31
C ARG B 25 -10.10 -14.26 9.41
N SER B 26 -10.08 -15.52 9.82
CA SER B 26 -10.62 -16.54 8.98
C SER B 26 -11.31 -17.64 9.72
N GLY B 27 -12.23 -18.26 8.99
CA GLY B 27 -12.90 -19.46 9.40
C GLY B 27 -13.08 -20.31 8.14
N SER B 28 -14.33 -20.50 7.71
CA SER B 28 -14.60 -21.06 6.36
C SER B 28 -14.19 -20.10 5.26
N TYR B 29 -14.16 -18.80 5.54
CA TYR B 29 -13.84 -17.79 4.54
C TYR B 29 -12.86 -16.90 5.18
N LEU B 30 -12.42 -15.89 4.43
CA LEU B 30 -11.70 -14.78 5.00
C LEU B 30 -12.76 -13.82 5.51
N ASP B 31 -12.89 -13.73 6.82
CA ASP B 31 -13.77 -12.72 7.44
C ASP B 31 -13.23 -11.35 7.20
N ALA B 32 -11.93 -11.23 7.22
CA ALA B 32 -11.27 -9.94 7.10
C ALA B 32 -9.86 -10.10 6.59
N ILE B 33 -9.38 -9.14 5.89
CA ILE B 33 -7.95 -8.99 5.65
C ILE B 33 -7.54 -7.73 6.36
N ILE B 34 -6.35 -7.76 6.91
CA ILE B 34 -5.84 -6.67 7.77
C ILE B 34 -4.52 -6.21 7.19
N ILE B 35 -4.47 -4.98 6.66
CA ILE B 35 -3.38 -4.47 5.88
C ILE B 35 -2.79 -3.33 6.67
N ASP B 36 -1.53 -3.48 7.11
CA ASP B 36 -0.90 -2.48 8.00
C ASP B 36 -1.75 -2.19 9.22
N GLY B 37 -2.45 -3.21 9.68
CA GLY B 37 -3.29 -3.12 10.85
C GLY B 37 -4.68 -2.59 10.59
N VAL B 38 -4.93 -2.11 9.36
CA VAL B 38 -6.23 -1.61 8.97
C VAL B 38 -7.15 -2.81 8.61
N HIS B 39 -8.30 -2.87 9.25
CA HIS B 39 -9.21 -4.02 9.10
C HIS B 39 -10.20 -3.83 7.97
N HIS B 40 -10.35 -4.87 7.13
CA HIS B 40 -11.30 -4.86 6.01
C HIS B 40 -12.13 -6.14 6.04
N GLY B 41 -13.38 -6.04 6.53
CA GLY B 41 -14.25 -7.17 6.70
C GLY B 41 -14.87 -7.14 8.10
N GLY B 42 -15.30 -8.29 8.57
CA GLY B 42 -16.06 -8.35 9.80
C GLY B 42 -15.26 -8.93 10.93
N SER B 43 -15.96 -9.19 12.02
CA SER B 43 -15.30 -9.63 13.24
C SER B 43 -15.40 -11.12 13.51
N GLY B 44 -15.88 -11.96 12.57
CA GLY B 44 -15.91 -13.36 12.80
C GLY B 44 -14.57 -14.05 12.60
N GLY B 45 -14.57 -15.38 12.65
CA GLY B 45 -13.35 -16.14 12.51
C GLY B 45 -12.37 -15.85 13.61
N ASN B 46 -11.13 -16.32 13.39
CA ASN B 46 -10.03 -16.16 14.34
C ASN B 46 -8.91 -15.43 13.64
N LEU B 47 -8.21 -14.64 14.44
CA LEU B 47 -7.15 -13.82 13.96
C LEU B 47 -5.88 -14.60 13.74
N SER B 48 -5.27 -14.43 12.58
CA SER B 48 -4.02 -15.06 12.29
C SER B 48 -2.88 -14.25 12.92
N PRO B 49 -1.65 -14.80 12.95
CA PRO B 49 -0.47 -14.01 13.25
C PRO B 49 -0.34 -12.93 12.16
N THR B 50 0.42 -11.88 12.47
CA THR B 50 0.71 -10.86 11.54
C THR B 50 2.03 -11.20 10.89
N PHE B 51 2.00 -11.11 9.57
CA PHE B 51 3.20 -11.21 8.73
C PHE B 51 3.71 -9.79 8.43
N THR B 52 4.90 -9.49 8.88
CA THR B 52 5.58 -8.22 8.66
C THR B 52 6.72 -8.38 7.70
N PHE B 53 6.69 -7.63 6.62
CA PHE B 53 7.69 -7.75 5.57
C PHE B 53 9.02 -7.13 5.96
N GLY B 54 10.11 -7.79 5.59
CA GLY B 54 11.44 -7.11 5.65
C GLY B 54 11.66 -6.09 4.53
N SER B 55 12.78 -5.32 4.64
CA SER B 55 13.26 -4.37 3.63
C SER B 55 13.52 -5.18 2.39
N GLY B 56 12.94 -4.81 1.27
CA GLY B 56 13.23 -5.53 0.06
C GLY B 56 12.44 -6.83 -0.04
N GLU B 57 11.53 -7.10 0.93
CA GLU B 57 10.75 -8.39 0.91
C GLU B 57 9.42 -8.10 0.40
N TYR B 58 8.95 -8.95 -0.52
CA TYR B 58 7.66 -8.76 -1.14
C TYR B 58 7.01 -10.11 -1.49
N ILE B 59 5.70 -10.15 -1.73
CA ILE B 59 5.00 -11.34 -2.17
C ILE B 59 5.42 -11.61 -3.61
N SER B 60 5.95 -12.81 -3.83
CA SER B 60 6.44 -13.26 -5.13
C SER B 60 5.49 -14.24 -5.77
N ASN B 61 4.70 -14.97 -4.98
CA ASN B 61 3.72 -15.90 -5.48
C ASN B 61 2.55 -15.98 -4.50
N MET B 62 1.37 -16.26 -5.01
CA MET B 62 0.20 -16.32 -4.13
C MET B 62 -0.89 -17.19 -4.71
N THR B 63 -1.63 -17.86 -3.84
CA THR B 63 -2.79 -18.63 -4.23
C THR B 63 -3.99 -18.10 -3.48
N ILE B 64 -5.01 -17.73 -4.23
CA ILE B 64 -6.26 -17.22 -3.70
C ILE B 64 -7.37 -18.13 -4.13
N ARG B 65 -8.13 -18.65 -3.15
CA ARG B 65 -9.35 -19.36 -3.48
C ARG B 65 -10.52 -18.41 -3.31
N SER B 66 -11.42 -18.40 -4.30
CA SER B 66 -12.55 -17.48 -4.24
C SER B 66 -13.78 -18.00 -4.98
N GLY B 67 -14.92 -17.47 -4.56
CA GLY B 67 -16.24 -17.74 -5.16
C GLY B 67 -16.98 -16.45 -5.14
N ASP B 68 -18.04 -16.37 -4.34
CA ASP B 68 -18.72 -15.12 -4.05
C ASP B 68 -17.87 -14.29 -3.11
N TYR B 69 -17.04 -14.95 -2.30
CA TYR B 69 -16.13 -14.29 -1.35
C TYR B 69 -14.71 -14.78 -1.60
N ILE B 70 -13.79 -14.30 -0.78
CA ILE B 70 -12.43 -14.88 -0.73
C ILE B 70 -12.49 -16.00 0.30
N ASP B 71 -12.27 -17.21 -0.18
CA ASP B 71 -12.27 -18.42 0.66
C ASP B 71 -10.96 -18.64 1.40
N ASN B 72 -9.83 -18.38 0.74
CA ASN B 72 -8.53 -18.75 1.28
C ASN B 72 -7.45 -17.90 0.68
N ILE B 73 -6.42 -17.59 1.47
CA ILE B 73 -5.23 -16.94 0.95
C ILE B 73 -3.99 -17.67 1.43
N SER B 74 -2.99 -17.82 0.54
CA SER B 74 -1.64 -18.27 0.90
C SER B 74 -0.70 -17.45 0.07
N PHE B 75 0.46 -17.13 0.62
CA PHE B 75 1.48 -16.55 -0.24
C PHE B 75 2.88 -16.92 0.20
N GLU B 76 3.81 -16.70 -0.72
CA GLU B 76 5.23 -16.80 -0.43
C GLU B 76 5.93 -15.53 -0.85
N THR B 77 6.97 -15.17 -0.09
CA THR B 77 7.76 -14.00 -0.39
C THR B 77 9.03 -14.36 -1.16
N ASN B 78 9.73 -13.32 -1.64
CA ASN B 78 11.00 -13.52 -2.32
C ASN B 78 12.08 -14.00 -1.38
N MET B 79 11.88 -13.88 -0.07
CA MET B 79 12.83 -14.40 0.94
C MET B 79 12.49 -15.79 1.33
N GLY B 80 11.51 -16.37 0.65
CA GLY B 80 11.11 -17.74 0.86
C GLY B 80 10.18 -17.94 2.07
N ARG B 81 9.71 -16.88 2.68
CA ARG B 81 8.79 -17.06 3.81
C ARG B 81 7.35 -17.27 3.32
N ARG B 82 6.57 -17.97 4.13
CA ARG B 82 5.24 -18.40 3.76
C ARG B 82 4.22 -17.83 4.72
N PHE B 83 3.08 -17.40 4.18
CA PHE B 83 1.91 -17.04 4.97
C PHE B 83 0.72 -17.88 4.58
N GLY B 84 0.06 -18.47 5.55
CA GLY B 84 -1.06 -19.36 5.29
C GLY B 84 -0.66 -20.71 4.76
N PRO B 85 -1.62 -21.43 4.14
CA PRO B 85 -3.02 -21.04 3.87
C PRO B 85 -3.88 -20.75 5.07
N TYR B 86 -4.77 -19.74 4.95
CA TYR B 86 -5.75 -19.41 5.96
C TYR B 86 -7.07 -19.36 5.24
N GLY B 87 -8.10 -19.98 5.85
CA GLY B 87 -9.39 -19.96 5.24
C GLY B 87 -9.94 -21.34 5.06
N GLY B 88 -10.94 -21.44 4.20
CA GLY B 88 -11.62 -22.71 3.94
C GLY B 88 -11.19 -23.29 2.61
N SER B 89 -11.92 -24.32 2.18
CA SER B 89 -11.61 -25.04 0.95
C SER B 89 -12.59 -24.80 -0.23
N GLY B 90 -13.51 -23.83 -0.09
CA GLY B 90 -14.48 -23.52 -1.15
C GLY B 90 -13.90 -22.71 -2.31
N GLY B 91 -14.76 -22.33 -3.25
CA GLY B 91 -14.32 -21.55 -4.38
C GLY B 91 -13.44 -22.35 -5.28
N SER B 92 -12.69 -21.62 -6.09
CA SER B 92 -11.68 -22.25 -6.88
C SER B 92 -10.44 -21.42 -6.75
N ALA B 93 -9.33 -22.11 -7.00
CA ALA B 93 -8.02 -21.48 -6.87
C ALA B 93 -7.52 -20.73 -8.10
N ASN B 94 -6.87 -19.61 -7.85
CA ASN B 94 -6.17 -18.87 -8.88
C ASN B 94 -4.85 -18.45 -8.29
N THR B 95 -3.84 -18.34 -9.15
CA THR B 95 -2.48 -18.13 -8.67
C THR B 95 -1.78 -16.99 -9.40
N LEU B 96 -0.92 -16.27 -8.67
CA LEU B 96 0.07 -15.33 -9.21
C LEU B 96 1.44 -15.99 -9.01
N SER B 97 2.25 -16.02 -10.05
CA SER B 97 3.56 -16.65 -10.04
C SER B 97 4.64 -15.69 -10.57
N ASN B 98 5.76 -15.59 -9.84
CA ASN B 98 6.90 -14.74 -10.24
C ASN B 98 6.43 -13.27 -10.47
N VAL B 99 5.93 -12.72 -9.38
CA VAL B 99 5.40 -11.35 -9.33
C VAL B 99 6.12 -10.56 -8.29
N LYS B 100 5.81 -9.26 -8.23
CA LYS B 100 6.01 -8.47 -7.04
C LYS B 100 4.70 -7.79 -6.70
N VAL B 101 4.08 -8.14 -5.60
CA VAL B 101 2.81 -7.48 -5.24
C VAL B 101 3.09 -6.09 -4.71
N ILE B 102 2.32 -5.10 -5.20
CA ILE B 102 2.51 -3.72 -4.84
C ILE B 102 1.40 -3.25 -3.92
N GLN B 103 0.16 -3.65 -4.16
CA GLN B 103 -1.00 -3.18 -3.36
C GLN B 103 -2.10 -4.18 -3.36
N ILE B 104 -2.87 -4.16 -2.28
CA ILE B 104 -4.04 -4.99 -2.10
C ILE B 104 -5.21 -4.05 -1.80
N ASN B 105 -6.11 -3.91 -2.75
CA ASN B 105 -7.41 -3.24 -2.55
C ASN B 105 -8.49 -4.33 -2.60
N GLY B 106 -9.75 -3.99 -2.46
CA GLY B 106 -10.78 -5.01 -2.47
C GLY B 106 -12.14 -4.46 -2.12
N SER B 107 -13.02 -5.36 -1.71
CA SER B 107 -14.34 -4.99 -1.18
C SER B 107 -14.67 -5.93 -0.03
N ALA B 108 -15.31 -5.40 0.97
CA ALA B 108 -15.60 -6.13 2.20
C ALA B 108 -16.89 -5.71 2.82
N GLY B 109 -17.51 -6.66 3.48
CA GLY B 109 -18.71 -6.46 4.26
C GLY B 109 -18.51 -7.14 5.60
N ASP B 110 -19.36 -8.11 5.89
CA ASP B 110 -19.19 -9.00 7.04
C ASP B 110 -18.05 -9.95 6.77
N TYR B 111 -17.76 -10.16 5.47
CA TYR B 111 -16.61 -10.97 5.03
C TYR B 111 -15.78 -10.19 4.03
N LEU B 112 -14.70 -10.80 3.58
CA LEU B 112 -13.91 -10.27 2.47
C LEU B 112 -14.50 -10.77 1.16
N ASP B 113 -15.21 -9.88 0.43
CA ASP B 113 -15.88 -10.26 -0.82
C ASP B 113 -14.96 -10.45 -1.98
N SER B 114 -14.04 -9.51 -2.12
CA SER B 114 -13.15 -9.50 -3.27
C SER B 114 -11.83 -8.82 -2.92
N LEU B 115 -10.84 -9.14 -3.75
CA LEU B 115 -9.52 -8.54 -3.73
C LEU B 115 -9.19 -8.02 -5.12
N ASP B 116 -8.51 -6.88 -5.15
CA ASP B 116 -8.03 -6.31 -6.41
C ASP B 116 -6.54 -6.15 -6.11
N ILE B 117 -5.72 -7.03 -6.69
CA ILE B 117 -4.30 -7.09 -6.44
C ILE B 117 -3.56 -6.44 -7.53
N TYR B 118 -2.72 -5.45 -7.18
CA TYR B 118 -1.84 -4.73 -8.12
C TYR B 118 -0.44 -5.26 -7.94
N TYR B 119 0.17 -5.64 -9.05
CA TYR B 119 1.46 -6.31 -9.00
C TYR B 119 2.24 -6.10 -10.27
N GLU B 120 3.55 -6.32 -10.19
CA GLU B 120 4.43 -6.40 -11.34
C GLU B 120 4.64 -7.85 -11.71
N GLN B 121 4.54 -8.16 -13.00
CA GLN B 121 4.69 -9.54 -13.50
C GLN B 121 6.09 -9.68 -14.08
N TYR B 122 6.86 -10.60 -13.51
CA TYR B 122 8.18 -10.94 -14.03
C TYR B 122 8.21 -12.28 -14.73
#